data_9ETX
#
_entry.id   9ETX
#
_cell.length_a   38.671
_cell.length_b   61.143
_cell.length_c   164.128
_cell.angle_alpha   90.00
_cell.angle_beta   90.00
_cell.angle_gamma   90.00
#
_symmetry.space_group_name_H-M   'P 21 21 21'
#
loop_
_entity.id
_entity.type
_entity.pdbx_description
1 polymer 'Kelch-like ECH-associated protein 1'
2 non-polymer (3R)-4-[4-(2-chlorophenyl)sulfonyl-1,3-thiazol-5-yl]-1,3-dimethyl-piperazin-2-one
3 water water
#
_entity_poly.entity_id   1
_entity_poly.type   'polypeptide(L)'
_entity_poly.pdbx_seq_one_letter_code
;MHHHHHHSSGVDLGTENLYFQSMGNRTFSYTLEDHTKQAFGIMNELRLSQQLCDVTLQVKYQDAPAAQFMAHKVVLASSS
PVFKAMFTNGLREQGMEVVSIEGIHPKVMERLIEFAYTASISMGEKCVLHVMNGAVMYQIDSVVRACSDFLVQQLDPSNA
IGIANFAEQIGCVELHQRAREYIYMHFGE
;
_entity_poly.pdbx_strand_id   A,B
#
loop_
_chem_comp.id
_chem_comp.type
_chem_comp.name
_chem_comp.formula
A1H67 non-polymer (3R)-4-[4-(2-chlorophenyl)sulfonyl-1,3-thiazol-5-yl]-1,3-dimethyl-piperazin-2-one 'C15 H16 Cl N3 O3 S2'
#
# COMPACT_ATOMS: atom_id res chain seq x y z
N ARG A 26 -17.52 -22.33 -16.42
CA ARG A 26 -16.09 -21.93 -16.58
C ARG A 26 -15.77 -20.81 -15.56
N THR A 27 -14.71 -20.03 -15.77
CA THR A 27 -14.05 -19.22 -14.72
C THR A 27 -14.35 -17.74 -14.92
N PHE A 28 -14.74 -17.03 -13.86
CA PHE A 28 -14.87 -15.54 -13.85
C PHE A 28 -13.60 -14.94 -13.23
N SER A 29 -12.94 -14.05 -13.96
CA SER A 29 -11.64 -13.46 -13.60
C SER A 29 -11.65 -11.94 -13.83
N TYR A 30 -11.39 -11.18 -12.77
CA TYR A 30 -11.35 -9.70 -12.75
C TYR A 30 -10.06 -9.19 -12.11
N THR A 31 -9.45 -8.19 -12.75
CA THR A 31 -8.34 -7.39 -12.19
C THR A 31 -8.73 -5.92 -12.24
N LEU A 32 -8.61 -5.20 -11.13
CA LEU A 32 -8.74 -3.72 -11.13
C LEU A 32 -7.31 -3.17 -11.21
N GLU A 33 -6.96 -2.57 -12.36
CA GLU A 33 -5.60 -2.08 -12.65
C GLU A 33 -5.11 -1.17 -11.53
N ASP A 34 -5.84 -0.10 -11.20
CA ASP A 34 -5.36 0.93 -10.24
C ASP A 34 -5.97 0.69 -8.84
N HIS A 35 -6.22 -0.57 -8.46
CA HIS A 35 -6.67 -0.91 -7.08
C HIS A 35 -5.57 -0.54 -6.05
N THR A 36 -4.32 -0.92 -6.31
CA THR A 36 -3.18 -0.71 -5.38
C THR A 36 -2.99 0.80 -5.16
N LYS A 37 -3.25 1.64 -6.16
CA LYS A 37 -3.19 3.12 -6.04
C LYS A 37 -4.32 3.60 -5.13
N GLN A 38 -5.55 3.16 -5.39
CA GLN A 38 -6.73 3.57 -4.57
C GLN A 38 -6.47 3.17 -3.12
N ALA A 39 -6.00 1.94 -2.91
CA ALA A 39 -5.74 1.35 -1.58
C ALA A 39 -4.67 2.19 -0.86
N PHE A 40 -3.55 2.48 -1.52
CA PHE A 40 -2.48 3.34 -0.95
C PHE A 40 -3.04 4.73 -0.60
N GLY A 41 -3.89 5.28 -1.46
CA GLY A 41 -4.64 6.52 -1.15
C GLY A 41 -5.28 6.45 0.22
N ILE A 42 -6.01 5.36 0.50
CA ILE A 42 -6.75 5.17 1.79
C ILE A 42 -5.71 4.95 2.90
N MET A 43 -4.67 4.16 2.65
CA MET A 43 -3.62 3.90 3.68
C MET A 43 -2.96 5.23 4.04
N ASN A 44 -2.75 6.11 3.07
CA ASN A 44 -2.23 7.48 3.31
C ASN A 44 -3.24 8.29 4.15
N GLU A 45 -4.51 8.30 3.77
CA GLU A 45 -5.58 8.93 4.59
C GLU A 45 -5.46 8.44 6.03
N LEU A 46 -5.33 7.13 6.23
CA LEU A 46 -5.30 6.56 7.61
C LEU A 46 -4.07 7.07 8.36
N ARG A 47 -2.93 7.21 7.67
CA ARG A 47 -1.68 7.75 8.24
C ARG A 47 -1.93 9.17 8.78
N LEU A 48 -2.41 10.07 7.93
CA LEU A 48 -2.65 11.50 8.29
C LEU A 48 -3.71 11.62 9.39
N SER A 49 -4.71 10.74 9.44
CA SER A 49 -5.76 10.68 10.50
C SER A 49 -5.20 9.99 11.76
N GLN A 50 -3.99 9.43 11.67
CA GLN A 50 -3.35 8.68 12.79
C GLN A 50 -4.26 7.53 13.21
N GLN A 51 -4.81 6.82 12.22
CA GLN A 51 -5.64 5.61 12.45
C GLN A 51 -4.82 4.34 12.14
N LEU A 52 -4.76 3.42 13.10
CA LEU A 52 -4.23 2.04 12.96
C LEU A 52 -2.69 2.06 12.92
N CYS A 53 -2.07 3.21 13.17
CA CYS A 53 -0.59 3.37 13.22
C CYS A 53 -0.04 2.56 14.40
N ASP A 54 0.95 1.72 14.13
CA ASP A 54 1.62 0.82 15.10
C ASP A 54 3.12 1.18 15.21
N VAL A 55 3.60 2.22 14.51
CA VAL A 55 5.00 2.72 14.64
C VAL A 55 5.02 4.25 14.71
N THR A 56 5.90 4.79 15.57
CA THR A 56 6.20 6.23 15.71
C THR A 56 7.70 6.47 15.41
N LEU A 57 7.98 7.27 14.38
CA LEU A 57 9.37 7.66 14.02
C LEU A 57 9.66 8.99 14.72
N GLN A 58 10.63 9.01 15.63
CA GLN A 58 11.13 10.25 16.28
C GLN A 58 12.45 10.64 15.61
N VAL A 59 12.48 11.79 14.95
CA VAL A 59 13.64 12.27 14.14
C VAL A 59 14.24 13.49 14.83
N LYS A 60 15.51 13.42 15.24
CA LYS A 60 16.31 14.51 15.85
C LYS A 60 17.50 14.82 14.92
N TYR A 61 17.65 16.08 14.52
CA TYR A 61 18.77 16.56 13.68
C TYR A 61 19.42 17.77 14.34
N GLN A 62 20.73 17.71 14.59
CA GLN A 62 21.57 18.86 15.02
C GLN A 62 20.84 19.66 16.12
N ASP A 63 20.70 20.98 15.92
CA ASP A 63 20.06 21.95 16.84
C ASP A 63 18.70 22.33 16.24
N ALA A 64 17.88 21.33 15.92
CA ALA A 64 16.53 21.46 15.31
C ALA A 64 15.51 20.79 16.23
N PRO A 65 14.22 21.22 16.18
CA PRO A 65 13.19 20.64 17.05
C PRO A 65 12.87 19.18 16.67
N ALA A 66 12.62 18.35 17.68
CA ALA A 66 12.24 16.93 17.52
C ALA A 66 10.95 16.88 16.68
N ALA A 67 10.86 15.92 15.76
CA ALA A 67 9.68 15.68 14.91
C ALA A 67 9.21 14.24 15.08
N GLN A 68 7.90 14.04 15.02
CA GLN A 68 7.23 12.74 15.27
C GLN A 68 6.40 12.39 14.04
N PHE A 69 6.54 11.18 13.50
CA PHE A 69 5.75 10.68 12.34
C PHE A 69 5.14 9.32 12.69
N MET A 70 3.80 9.27 12.78
CA MET A 70 2.99 8.03 12.89
C MET A 70 2.96 7.33 11.52
N ALA A 71 3.04 6.00 11.50
CA ALA A 71 2.93 5.20 10.27
C ALA A 71 2.56 3.75 10.60
N HIS A 72 2.41 2.91 9.56
CA HIS A 72 2.03 1.48 9.65
C HIS A 72 3.25 0.62 9.26
N LYS A 73 3.74 -0.21 10.18
CA LYS A 73 4.92 -1.09 9.98
C LYS A 73 4.82 -1.79 8.63
N VAL A 74 3.64 -2.33 8.29
CA VAL A 74 3.47 -3.19 7.09
C VAL A 74 3.73 -2.34 5.83
N VAL A 75 3.29 -1.09 5.81
CA VAL A 75 3.48 -0.18 4.64
C VAL A 75 4.97 0.17 4.51
N LEU A 76 5.64 0.39 5.65
CA LEU A 76 7.09 0.73 5.69
C LEU A 76 7.89 -0.46 5.20
N ALA A 77 7.58 -1.67 5.67
CA ALA A 77 8.26 -2.93 5.29
C ALA A 77 8.08 -3.19 3.80
N SER A 78 6.96 -2.77 3.22
CA SER A 78 6.60 -3.00 1.79
C SER A 78 7.40 -2.06 0.89
N SER A 79 8.01 -0.99 1.44
CA SER A 79 8.77 0.04 0.69
C SER A 79 10.27 0.02 1.04
N SER A 80 10.68 -0.64 2.11
CA SER A 80 12.06 -0.58 2.66
C SER A 80 12.48 -1.91 3.28
N PRO A 81 13.50 -2.59 2.71
CA PRO A 81 14.09 -3.78 3.31
C PRO A 81 14.58 -3.61 4.75
N VAL A 82 15.02 -2.41 5.10
CA VAL A 82 15.52 -2.06 6.46
C VAL A 82 14.32 -2.11 7.41
N PHE A 83 13.22 -1.44 7.07
CA PHE A 83 12.00 -1.47 7.91
C PHE A 83 11.45 -2.90 7.96
N LYS A 84 11.47 -3.60 6.81
CA LYS A 84 11.05 -5.03 6.75
C LYS A 84 11.87 -5.85 7.73
N ALA A 85 13.20 -5.74 7.69
CA ALA A 85 14.13 -6.46 8.58
C ALA A 85 13.81 -6.10 10.03
N MET A 86 13.73 -4.81 10.32
CA MET A 86 13.40 -4.29 11.66
C MET A 86 12.17 -5.00 12.22
N PHE A 87 11.05 -4.95 11.49
CA PHE A 87 9.68 -5.21 12.03
C PHE A 87 9.32 -6.70 11.97
N THR A 88 9.86 -7.47 11.02
CA THR A 88 9.68 -8.95 10.95
C THR A 88 10.63 -9.67 11.91
N ASN A 89 11.62 -8.98 12.49
CA ASN A 89 12.56 -9.57 13.47
C ASN A 89 12.12 -9.19 14.89
N GLU A 93 5.09 -10.73 18.38
CA GLU A 93 5.47 -9.31 18.13
C GLU A 93 4.22 -8.54 17.67
N GLN A 94 3.55 -7.83 18.60
CA GLN A 94 2.39 -6.93 18.28
C GLN A 94 2.36 -5.76 19.29
N GLY A 95 2.21 -4.51 18.81
CA GLY A 95 2.14 -3.29 19.64
C GLY A 95 2.87 -2.11 19.03
N MET A 96 2.60 -0.90 19.55
CA MET A 96 3.28 0.34 19.09
C MET A 96 4.78 0.18 19.30
N GLU A 97 5.58 0.51 18.29
CA GLU A 97 7.06 0.59 18.35
C GLU A 97 7.45 2.05 18.12
N VAL A 98 8.56 2.49 18.73
CA VAL A 98 9.20 3.81 18.49
C VAL A 98 10.53 3.55 17.79
N VAL A 99 10.78 4.20 16.64
CA VAL A 99 12.13 4.20 15.99
C VAL A 99 12.71 5.59 16.16
N SER A 100 13.75 5.71 17.00
CA SER A 100 14.50 6.97 17.21
C SER A 100 15.53 7.07 16.09
N ILE A 101 15.57 8.22 15.42
CA ILE A 101 16.48 8.48 14.27
C ILE A 101 17.29 9.73 14.63
N GLU A 102 18.61 9.69 14.40
CA GLU A 102 19.55 10.81 14.72
C GLU A 102 20.35 11.16 13.47
N GLY A 103 20.66 12.45 13.30
CA GLY A 103 21.49 12.96 12.20
C GLY A 103 20.81 12.94 10.83
N ILE A 104 19.49 12.73 10.79
CA ILE A 104 18.64 12.85 9.57
C ILE A 104 17.64 13.96 9.83
N HIS A 105 17.43 14.85 8.87
CA HIS A 105 16.50 16.00 8.99
C HIS A 105 15.06 15.49 8.93
N PRO A 106 14.16 16.00 9.79
CA PRO A 106 12.76 15.60 9.75
C PRO A 106 12.11 15.63 8.35
N LYS A 107 12.43 16.65 7.54
CA LYS A 107 11.84 16.82 6.19
C LYS A 107 12.36 15.71 5.27
N VAL A 108 13.57 15.20 5.50
CA VAL A 108 14.07 14.04 4.71
C VAL A 108 13.17 12.84 5.01
N MET A 109 12.95 12.52 6.27
CA MET A 109 12.15 11.35 6.70
C MET A 109 10.70 11.53 6.22
N GLU A 110 10.15 12.73 6.38
CA GLU A 110 8.78 13.05 5.90
C GLU A 110 8.69 12.73 4.41
N ARG A 111 9.70 13.07 3.63
CA ARG A 111 9.69 12.89 2.16
C ARG A 111 9.73 11.39 1.83
N LEU A 112 10.51 10.62 2.58
CA LEU A 112 10.67 9.16 2.35
C LEU A 112 9.37 8.45 2.75
N ILE A 113 8.77 8.85 3.85
CA ILE A 113 7.48 8.30 4.33
C ILE A 113 6.42 8.58 3.26
N GLU A 114 6.34 9.83 2.80
CA GLU A 114 5.36 10.23 1.74
C GLU A 114 5.62 9.41 0.48
N PHE A 115 6.86 9.06 0.18
CA PHE A 115 7.19 8.21 -0.98
C PHE A 115 6.62 6.81 -0.76
N ALA A 116 6.85 6.24 0.42
CA ALA A 116 6.36 4.89 0.80
C ALA A 116 4.84 4.83 0.60
N TYR A 117 4.12 5.91 0.88
CA TYR A 117 2.64 5.99 0.94
C TYR A 117 2.04 6.50 -0.38
N THR A 118 2.83 7.14 -1.27
CA THR A 118 2.32 7.78 -2.52
C THR A 118 3.10 7.38 -3.78
N ALA A 119 4.33 6.87 -3.65
CA ALA A 119 5.22 6.46 -4.77
C ALA A 119 5.90 7.68 -5.39
N SER A 120 5.68 8.88 -4.83
CA SER A 120 6.13 10.17 -5.44
C SER A 120 6.96 10.98 -4.44
N ILE A 121 7.82 11.81 -4.99
CA ILE A 121 8.77 12.67 -4.23
C ILE A 121 9.14 13.83 -5.15
N SER A 122 9.08 15.04 -4.63
CA SER A 122 9.29 16.30 -5.37
C SER A 122 9.97 17.26 -4.39
N MET A 123 11.04 17.94 -4.82
CA MET A 123 11.89 18.73 -3.91
C MET A 123 12.83 19.60 -4.76
N GLY A 124 13.24 20.74 -4.20
CA GLY A 124 14.33 21.58 -4.71
C GLY A 124 15.61 20.76 -4.88
N GLU A 125 16.37 21.13 -5.92
CA GLU A 125 17.72 20.63 -6.27
C GLU A 125 18.60 20.50 -5.00
N LYS A 126 18.57 21.47 -4.09
CA LYS A 126 19.49 21.52 -2.91
C LYS A 126 19.15 20.44 -1.89
N CYS A 127 18.00 19.78 -2.03
CA CYS A 127 17.47 18.76 -1.07
C CYS A 127 18.00 17.37 -1.44
N VAL A 128 18.41 17.17 -2.70
CA VAL A 128 18.60 15.83 -3.33
C VAL A 128 19.64 15.01 -2.55
N LEU A 129 20.74 15.63 -2.11
CA LEU A 129 21.87 14.95 -1.42
C LEU A 129 21.40 14.39 -0.07
N HIS A 130 20.68 15.20 0.72
CA HIS A 130 20.18 14.82 2.06
C HIS A 130 19.17 13.68 1.94
N VAL A 131 18.34 13.72 0.90
CA VAL A 131 17.28 12.70 0.65
C VAL A 131 17.93 11.41 0.16
N MET A 132 18.82 11.49 -0.82
CA MET A 132 19.57 10.31 -1.34
C MET A 132 20.26 9.62 -0.17
N ASN A 133 20.83 10.38 0.77
CA ASN A 133 21.46 9.83 2.00
C ASN A 133 20.41 9.08 2.81
N GLY A 134 19.26 9.72 3.08
CA GLY A 134 18.10 9.09 3.75
C GLY A 134 17.72 7.78 3.06
N ALA A 135 17.57 7.81 1.74
CA ALA A 135 17.07 6.69 0.91
C ALA A 135 18.02 5.49 1.07
N VAL A 136 19.32 5.76 1.04
CA VAL A 136 20.42 4.74 1.17
C VAL A 136 20.29 4.08 2.54
N MET A 137 20.13 4.87 3.60
CA MET A 137 20.08 4.41 5.00
C MET A 137 18.91 3.45 5.19
N TYR A 138 17.81 3.61 4.44
CA TYR A 138 16.60 2.75 4.55
C TYR A 138 16.36 1.94 3.25
N GLN A 139 17.38 1.87 2.40
CA GLN A 139 17.46 0.98 1.20
C GLN A 139 16.18 1.11 0.35
N ILE A 140 15.72 2.34 0.16
CA ILE A 140 14.68 2.70 -0.83
C ILE A 140 15.41 2.92 -2.16
N ASP A 141 15.85 1.82 -2.76
CA ASP A 141 16.87 1.80 -3.83
C ASP A 141 16.37 2.65 -5.01
N SER A 142 15.08 2.62 -5.32
CA SER A 142 14.51 3.31 -6.50
C SER A 142 14.73 4.82 -6.37
N VAL A 143 14.66 5.35 -5.15
CA VAL A 143 14.88 6.80 -4.84
C VAL A 143 16.39 7.09 -4.92
N VAL A 144 17.21 6.20 -4.35
CA VAL A 144 18.68 6.27 -4.51
C VAL A 144 18.98 6.42 -6.00
N ARG A 145 18.45 5.49 -6.82
CA ARG A 145 18.68 5.45 -8.29
C ARG A 145 18.21 6.76 -8.94
N ALA A 146 17.07 7.29 -8.49
CA ALA A 146 16.46 8.52 -9.07
C ALA A 146 17.39 9.71 -8.79
N CYS A 147 17.70 9.92 -7.51
CA CYS A 147 18.66 10.94 -7.01
C CYS A 147 20.00 10.85 -7.75
N SER A 148 20.59 9.67 -7.79
CA SER A 148 21.91 9.41 -8.45
C SER A 148 21.87 9.91 -9.89
N ASP A 149 20.95 9.37 -10.70
CA ASP A 149 20.78 9.73 -12.13
C ASP A 149 20.67 11.25 -12.30
N PHE A 150 19.95 11.89 -11.38
CA PHE A 150 19.69 13.35 -11.43
C PHE A 150 21.00 14.11 -11.30
N LEU A 151 21.80 13.74 -10.29
CA LEU A 151 23.09 14.40 -9.97
C LEU A 151 24.08 14.19 -11.12
N VAL A 152 24.12 12.99 -11.71
CA VAL A 152 24.95 12.70 -12.91
C VAL A 152 24.56 13.68 -14.03
N GLN A 153 23.28 14.00 -14.18
CA GLN A 153 22.81 14.96 -15.22
C GLN A 153 23.38 16.33 -14.88
N GLN A 154 23.41 16.70 -13.59
CA GLN A 154 23.75 18.06 -13.10
C GLN A 154 25.27 18.24 -12.95
N LEU A 155 26.07 17.24 -13.29
CA LEU A 155 27.55 17.28 -13.11
C LEU A 155 28.13 18.44 -13.92
N ASP A 156 28.94 19.27 -13.27
CA ASP A 156 29.73 20.34 -13.92
C ASP A 156 30.99 20.59 -13.08
N PRO A 157 31.95 21.42 -13.55
CA PRO A 157 33.22 21.59 -12.85
C PRO A 157 33.08 22.14 -11.43
N SER A 158 32.08 22.98 -11.18
CA SER A 158 31.76 23.57 -9.85
C SER A 158 31.38 22.49 -8.82
N ASN A 159 30.60 21.49 -9.21
CA ASN A 159 29.93 20.55 -8.25
C ASN A 159 30.53 19.15 -8.30
N ALA A 160 31.24 18.79 -9.38
CA ALA A 160 31.79 17.43 -9.60
C ALA A 160 32.48 16.90 -8.34
N ILE A 161 33.27 17.74 -7.66
CA ILE A 161 34.18 17.29 -6.57
C ILE A 161 33.32 17.00 -5.34
N GLY A 162 32.45 17.93 -4.96
CA GLY A 162 31.52 17.77 -3.84
C GLY A 162 30.69 16.51 -3.99
N ILE A 163 30.12 16.31 -5.18
CA ILE A 163 29.24 15.16 -5.51
C ILE A 163 30.06 13.87 -5.36
N ALA A 164 31.24 13.81 -5.98
CA ALA A 164 32.18 12.67 -5.88
C ALA A 164 32.45 12.35 -4.42
N ASN A 165 32.66 13.38 -3.59
CA ASN A 165 33.03 13.22 -2.16
C ASN A 165 31.83 12.61 -1.43
N PHE A 166 30.69 13.31 -1.52
CA PHE A 166 29.38 12.84 -1.02
C PHE A 166 29.16 11.37 -1.40
N ALA A 167 29.30 11.03 -2.68
CA ALA A 167 29.03 9.67 -3.18
C ALA A 167 29.88 8.67 -2.36
N GLU A 168 31.14 9.02 -2.07
CA GLU A 168 32.08 8.14 -1.33
C GLU A 168 31.61 8.01 0.12
N GLN A 169 31.29 9.14 0.75
CA GLN A 169 30.76 9.21 2.15
C GLN A 169 29.60 8.21 2.30
N ILE A 170 28.51 8.38 1.54
CA ILE A 170 27.22 7.63 1.70
C ILE A 170 27.33 6.24 1.05
N GLY A 171 28.35 5.97 0.26
CA GLY A 171 28.66 4.61 -0.24
C GLY A 171 28.10 4.34 -1.63
N CYS A 172 27.50 5.33 -2.31
CA CYS A 172 26.96 5.17 -3.70
C CYS A 172 28.11 5.04 -4.70
N VAL A 173 28.46 3.81 -5.06
CA VAL A 173 29.64 3.48 -5.93
C VAL A 173 29.42 4.07 -7.33
N GLU A 174 28.24 3.88 -7.93
CA GLU A 174 27.95 4.31 -9.33
C GLU A 174 28.06 5.84 -9.45
N LEU A 175 27.52 6.60 -8.50
CA LEU A 175 27.56 8.09 -8.52
C LEU A 175 29.01 8.54 -8.39
N HIS A 176 29.76 7.96 -7.45
CA HIS A 176 31.20 8.25 -7.21
C HIS A 176 31.98 8.04 -8.51
N GLN A 177 31.76 6.91 -9.20
CA GLN A 177 32.51 6.56 -10.43
C GLN A 177 32.18 7.56 -11.55
N ARG A 178 30.90 7.88 -11.74
CA ARG A 178 30.46 8.78 -12.84
C ARG A 178 31.10 10.16 -12.59
N ALA A 179 31.11 10.61 -11.34
CA ALA A 179 31.65 11.92 -10.91
C ALA A 179 33.17 11.94 -11.05
N ARG A 180 33.86 10.89 -10.60
CA ARG A 180 35.34 10.79 -10.69
C ARG A 180 35.70 10.76 -12.18
N GLU A 181 34.96 10.02 -13.00
CA GLU A 181 35.18 9.91 -14.46
C GLU A 181 35.03 11.31 -15.09
N TYR A 182 34.04 12.10 -14.66
CA TYR A 182 33.73 13.43 -15.23
C TYR A 182 34.88 14.40 -14.92
N ILE A 183 35.47 14.32 -13.72
CA ILE A 183 36.60 15.17 -13.27
C ILE A 183 37.85 14.82 -14.08
N TYR A 184 38.23 13.54 -14.12
CA TYR A 184 39.55 13.13 -14.66
C TYR A 184 39.50 13.23 -16.19
N MET A 185 38.30 13.30 -16.75
CA MET A 185 38.05 13.49 -18.22
C MET A 185 38.51 14.89 -18.65
N HIS A 186 38.38 15.89 -17.78
CA HIS A 186 38.77 17.31 -18.00
C HIS A 186 40.29 17.41 -18.23
N PHE A 187 41.05 16.40 -17.81
CA PHE A 187 42.53 16.30 -17.93
C PHE A 187 42.96 15.24 -18.95
N GLY A 188 42.08 14.89 -19.89
CA GLY A 188 42.29 13.82 -20.88
C GLY A 188 42.65 12.48 -20.24
N GLU A 189 42.16 12.20 -19.02
CA GLU A 189 42.39 10.93 -18.27
C GLU A 189 41.05 10.19 -18.07
N HIS B 2 6.23 -0.81 23.68
CA HIS B 2 6.90 0.38 23.05
C HIS B 2 8.32 0.04 22.60
N HIS B 3 8.59 -1.22 22.16
CA HIS B 3 9.94 -1.72 21.75
C HIS B 3 10.66 -0.66 20.90
N HIS B 4 11.80 -0.15 21.37
CA HIS B 4 12.51 1.04 20.83
C HIS B 4 13.64 0.62 19.89
N HIS B 5 13.85 1.38 18.82
CA HIS B 5 14.99 1.25 17.86
C HIS B 5 15.79 2.55 17.84
N HIS B 6 17.08 2.47 17.52
CA HIS B 6 18.03 3.62 17.56
C HIS B 6 18.88 3.66 16.29
N HIS B 7 18.69 4.69 15.47
CA HIS B 7 19.40 4.93 14.19
C HIS B 7 20.16 6.26 14.22
N SER B 8 21.46 6.19 13.94
CA SER B 8 22.41 7.34 13.89
C SER B 8 22.96 7.45 12.46
N SER B 9 23.55 8.61 12.14
CA SER B 9 23.99 8.99 10.78
C SER B 9 25.36 9.69 10.84
N GLY B 10 26.16 9.56 9.76
CA GLY B 10 27.46 10.25 9.60
C GLY B 10 27.31 11.59 8.90
N GLY B 24 21.67 26.26 -7.88
CA GLY B 24 20.53 26.83 -8.62
C GLY B 24 19.19 26.54 -7.97
N ASN B 25 18.17 26.25 -8.78
CA ASN B 25 16.75 26.29 -8.34
C ASN B 25 15.87 25.32 -9.15
N ARG B 26 16.49 24.34 -9.84
CA ARG B 26 15.78 23.32 -10.65
C ARG B 26 14.98 22.43 -9.68
N THR B 27 13.85 21.85 -10.10
CA THR B 27 12.99 20.99 -9.25
C THR B 27 13.23 19.52 -9.58
N PHE B 28 13.46 18.68 -8.58
CA PHE B 28 13.53 17.21 -8.73
C PHE B 28 12.18 16.58 -8.36
N SER B 29 11.59 15.79 -9.26
CA SER B 29 10.37 14.98 -8.96
C SER B 29 10.47 13.60 -9.63
N TYR B 30 10.26 12.55 -8.83
CA TYR B 30 10.30 11.12 -9.23
C TYR B 30 9.03 10.40 -8.78
N THR B 31 8.49 9.59 -9.68
CA THR B 31 7.40 8.62 -9.39
C THR B 31 7.84 7.24 -9.83
N LEU B 32 7.71 6.25 -8.96
CA LEU B 32 7.91 4.83 -9.35
C LEU B 32 6.54 4.27 -9.75
N GLU B 33 6.38 3.99 -11.04
CA GLU B 33 5.06 3.75 -11.69
C GLU B 33 4.38 2.60 -10.95
N ASP B 34 5.05 1.46 -10.85
CA ASP B 34 4.49 0.20 -10.30
C ASP B 34 4.92 0.01 -8.85
N HIS B 35 5.05 1.09 -8.07
CA HIS B 35 5.44 1.01 -6.63
C HIS B 35 4.36 0.31 -5.81
N THR B 36 3.10 0.74 -5.96
CA THR B 36 1.95 0.21 -5.19
C THR B 36 1.80 -1.29 -5.51
N LYS B 37 2.10 -1.74 -6.72
CA LYS B 37 2.07 -3.18 -7.09
C LYS B 37 3.19 -3.92 -6.35
N GLN B 38 4.43 -3.41 -6.40
CA GLN B 38 5.58 -4.08 -5.72
C GLN B 38 5.25 -4.19 -4.23
N ALA B 39 4.77 -3.09 -3.65
CA ALA B 39 4.48 -2.95 -2.20
C ALA B 39 3.40 -3.96 -1.83
N PHE B 40 2.29 -4.02 -2.57
CA PHE B 40 1.20 -5.00 -2.34
C PHE B 40 1.74 -6.42 -2.45
N GLY B 41 2.63 -6.66 -3.42
CA GLY B 41 3.33 -7.93 -3.56
C GLY B 41 3.91 -8.34 -2.23
N ILE B 42 4.65 -7.44 -1.59
CA ILE B 42 5.37 -7.72 -0.31
C ILE B 42 4.34 -7.84 0.82
N MET B 43 3.32 -6.98 0.83
CA MET B 43 2.27 -7.03 1.87
C MET B 43 1.57 -8.39 1.77
N ASN B 44 1.31 -8.89 0.55
CA ASN B 44 0.74 -10.24 0.35
C ASN B 44 1.72 -11.31 0.87
N GLU B 45 3.00 -11.25 0.48
CA GLU B 45 4.05 -12.17 1.02
C GLU B 45 3.93 -12.20 2.54
N LEU B 46 3.87 -11.02 3.17
CA LEU B 46 3.85 -10.93 4.66
C LEU B 46 2.60 -11.62 5.20
N ARG B 47 1.45 -11.46 4.54
CA ARG B 47 0.17 -12.12 4.93
C ARG B 47 0.35 -13.64 4.95
N LEU B 48 0.80 -14.23 3.85
CA LEU B 48 0.94 -15.70 3.70
C LEU B 48 1.98 -16.24 4.69
N SER B 49 3.04 -15.49 5.02
CA SER B 49 4.05 -15.86 6.04
C SER B 49 3.55 -15.50 7.45
N GLN B 50 2.36 -14.92 7.56
CA GLN B 50 1.72 -14.53 8.84
C GLN B 50 2.62 -13.58 9.61
N GLN B 51 3.23 -12.60 8.93
CA GLN B 51 4.17 -11.62 9.53
C GLN B 51 3.50 -10.25 9.60
N LEU B 52 3.57 -9.60 10.76
CA LEU B 52 3.07 -8.22 11.04
C LEU B 52 1.54 -8.18 11.08
N CYS B 53 0.87 -9.33 11.00
CA CYS B 53 -0.60 -9.43 11.06
C CYS B 53 -1.06 -9.01 12.46
N ASP B 54 -2.05 -8.11 12.52
CA ASP B 54 -2.66 -7.59 13.77
C ASP B 54 -4.13 -8.02 13.86
N VAL B 55 -4.67 -8.77 12.89
CA VAL B 55 -6.07 -9.29 12.93
C VAL B 55 -6.11 -10.74 12.47
N THR B 56 -6.92 -11.54 13.17
CA THR B 56 -7.34 -12.91 12.79
C THR B 56 -8.86 -12.91 12.62
N LEU B 57 -9.33 -13.16 11.39
CA LEU B 57 -10.77 -13.34 11.08
C LEU B 57 -11.10 -14.83 11.28
N GLN B 58 -12.01 -15.11 12.22
CA GLN B 58 -12.67 -16.43 12.37
C GLN B 58 -14.01 -16.38 11.61
N VAL B 59 -14.16 -17.19 10.56
CA VAL B 59 -15.35 -17.21 9.67
C VAL B 59 -16.12 -18.51 9.90
N LYS B 60 -17.41 -18.37 10.28
CA LYS B 60 -18.39 -19.44 10.60
C LYS B 60 -19.64 -19.27 9.72
N TYR B 61 -20.04 -20.32 9.00
CA TYR B 61 -21.18 -20.31 8.05
C TYR B 61 -21.81 -21.72 7.98
N GLN B 62 -23.10 -21.82 8.29
CA GLN B 62 -23.97 -23.01 8.03
C GLN B 62 -23.22 -24.32 8.33
N ASP B 63 -23.13 -25.22 7.34
CA ASP B 63 -22.62 -26.61 7.50
C ASP B 63 -21.22 -26.72 6.87
N ALA B 64 -20.37 -25.72 7.09
CA ALA B 64 -18.96 -25.66 6.60
C ALA B 64 -18.01 -25.53 7.77
N PRO B 65 -16.76 -26.05 7.65
CA PRO B 65 -15.81 -26.03 8.77
C PRO B 65 -15.30 -24.62 9.08
N ALA B 66 -15.08 -24.34 10.38
CA ALA B 66 -14.54 -23.07 10.89
C ALA B 66 -13.19 -22.78 10.23
N ALA B 67 -12.95 -21.53 9.83
CA ALA B 67 -11.73 -21.09 9.09
C ALA B 67 -11.11 -19.86 9.79
N GLN B 68 -9.80 -19.72 9.68
CA GLN B 68 -9.02 -18.57 10.22
C GLN B 68 -8.29 -17.89 9.05
N PHE B 69 -8.36 -16.56 8.97
CA PHE B 69 -7.56 -15.74 8.02
C PHE B 69 -6.84 -14.62 8.77
N MET B 70 -5.51 -14.72 8.88
CA MET B 70 -4.66 -13.64 9.42
C MET B 70 -4.45 -12.60 8.32
N ALA B 71 -4.45 -11.32 8.72
CA ALA B 71 -4.31 -10.18 7.80
C ALA B 71 -3.84 -8.95 8.57
N HIS B 72 -3.64 -7.85 7.84
CA HIS B 72 -3.24 -6.53 8.36
C HIS B 72 -4.44 -5.58 8.29
N LYS B 73 -4.92 -5.10 9.43
CA LYS B 73 -6.10 -4.20 9.51
C LYS B 73 -5.99 -3.12 8.44
N VAL B 74 -4.82 -2.49 8.30
CA VAL B 74 -4.61 -1.30 7.42
C VAL B 74 -4.84 -1.70 5.97
N VAL B 75 -4.43 -2.89 5.55
CA VAL B 75 -4.62 -3.36 4.14
C VAL B 75 -6.11 -3.63 3.89
N LEU B 76 -6.80 -4.22 4.87
CA LEU B 76 -8.24 -4.55 4.76
C LEU B 76 -9.03 -3.25 4.68
N ALA B 77 -8.70 -2.28 5.55
CA ALA B 77 -9.36 -0.96 5.64
C ALA B 77 -9.18 -0.18 4.31
N SER B 78 -8.06 -0.41 3.63
CA SER B 78 -7.69 0.28 2.36
C SER B 78 -8.51 -0.25 1.20
N SER B 79 -9.14 -1.43 1.35
CA SER B 79 -9.92 -2.12 0.27
C SER B 79 -11.42 -2.18 0.61
N SER B 80 -11.82 -1.89 1.85
CA SER B 80 -13.20 -2.08 2.36
C SER B 80 -13.56 -1.04 3.42
N PRO B 81 -14.51 -0.12 3.14
CA PRO B 81 -14.99 0.84 4.13
C PRO B 81 -15.57 0.19 5.40
N VAL B 82 -16.09 -1.03 5.27
CA VAL B 82 -16.65 -1.81 6.41
C VAL B 82 -15.50 -2.22 7.32
N PHE B 83 -14.44 -2.81 6.78
CA PHE B 83 -13.21 -3.14 7.57
C PHE B 83 -12.62 -1.85 8.16
N LYS B 84 -12.57 -0.77 7.37
CA LYS B 84 -12.08 0.55 7.84
C LYS B 84 -12.90 0.98 9.07
N ALA B 85 -14.22 0.99 8.97
CA ALA B 85 -15.13 1.37 10.06
C ALA B 85 -14.90 0.44 11.27
N MET B 86 -14.91 -0.87 11.03
CA MET B 86 -14.67 -1.91 12.06
C MET B 86 -13.43 -1.55 12.89
N PHE B 87 -12.28 -1.35 12.24
CA PHE B 87 -10.94 -1.32 12.87
C PHE B 87 -10.59 0.06 13.44
N THR B 88 -11.09 1.17 12.87
CA THR B 88 -10.94 2.54 13.44
C THR B 88 -11.86 2.76 14.64
N ASN B 89 -12.88 1.92 14.83
CA ASN B 89 -13.83 1.99 15.98
C ASN B 89 -13.34 1.08 17.10
N GLY B 90 -12.34 0.22 16.85
CA GLY B 90 -11.77 -0.68 17.86
C GLY B 90 -10.76 0.03 18.71
N LEU B 91 -10.41 -0.53 19.87
CA LEU B 91 -9.49 0.12 20.83
C LEU B 91 -8.11 0.22 20.19
N ARG B 92 -7.38 1.28 20.51
CA ARG B 92 -5.96 1.51 20.10
C ARG B 92 -5.05 0.63 20.95
N GLU B 93 -3.74 0.63 20.64
CA GLU B 93 -2.71 -0.19 21.33
C GLU B 93 -3.39 -1.49 21.81
N GLN B 94 -3.94 -2.23 20.87
CA GLN B 94 -4.45 -3.60 21.05
C GLN B 94 -3.37 -4.54 20.49
N GLY B 95 -3.30 -5.79 20.94
CA GLY B 95 -2.35 -6.79 20.41
C GLY B 95 -2.85 -7.34 19.09
N MET B 96 -2.63 -8.63 18.81
CA MET B 96 -3.48 -9.39 17.85
C MET B 96 -4.92 -9.22 18.30
N GLU B 97 -5.83 -8.91 17.38
CA GLU B 97 -7.30 -8.96 17.64
C GLU B 97 -7.89 -10.12 16.83
N VAL B 98 -8.85 -10.82 17.42
CA VAL B 98 -9.62 -11.92 16.77
C VAL B 98 -11.05 -11.40 16.53
N VAL B 99 -11.50 -11.41 15.28
CA VAL B 99 -12.85 -10.93 14.88
C VAL B 99 -13.64 -12.16 14.42
N SER B 100 -14.74 -12.47 15.09
CA SER B 100 -15.74 -13.46 14.63
C SER B 100 -16.58 -12.86 13.49
N ILE B 101 -16.71 -13.59 12.40
CA ILE B 101 -17.50 -13.20 11.21
C ILE B 101 -18.51 -14.33 10.97
N GLU B 102 -19.77 -13.96 10.71
CA GLU B 102 -20.90 -14.89 10.47
C GLU B 102 -21.65 -14.43 9.22
N GLY B 103 -22.35 -15.36 8.57
CA GLY B 103 -23.25 -15.07 7.42
C GLY B 103 -22.48 -14.82 6.14
N ILE B 104 -21.17 -15.11 6.11
CA ILE B 104 -20.39 -15.20 4.85
C ILE B 104 -19.61 -16.51 4.88
N HIS B 105 -19.57 -17.23 3.76
CA HIS B 105 -18.84 -18.51 3.61
C HIS B 105 -17.33 -18.23 3.57
N PRO B 106 -16.51 -19.05 4.27
CA PRO B 106 -15.06 -18.89 4.27
C PRO B 106 -14.43 -18.64 2.89
N LYS B 107 -14.87 -19.37 1.87
CA LYS B 107 -14.27 -19.28 0.50
C LYS B 107 -14.63 -17.93 -0.12
N VAL B 108 -15.78 -17.37 0.22
CA VAL B 108 -16.16 -16.02 -0.28
C VAL B 108 -15.17 -15.01 0.32
N MET B 109 -15.00 -15.04 1.64
CA MET B 109 -14.12 -14.09 2.37
C MET B 109 -12.66 -14.29 1.91
N GLU B 110 -12.20 -15.53 1.74
CA GLU B 110 -10.85 -15.82 1.21
C GLU B 110 -10.65 -15.11 -0.13
N ARG B 111 -11.66 -15.12 -1.00
CA ARG B 111 -11.54 -14.54 -2.36
C ARG B 111 -11.43 -13.01 -2.23
N LEU B 112 -12.20 -12.43 -1.31
CA LEU B 112 -12.26 -10.96 -1.08
C LEU B 112 -10.92 -10.50 -0.50
N ILE B 113 -10.38 -11.26 0.46
CA ILE B 113 -9.06 -10.98 1.09
C ILE B 113 -7.98 -11.02 0.00
N GLU B 114 -7.97 -12.07 -0.82
CA GLU B 114 -6.99 -12.22 -1.92
C GLU B 114 -7.11 -11.02 -2.87
N PHE B 115 -8.32 -10.51 -3.07
CA PHE B 115 -8.54 -9.32 -3.94
C PHE B 115 -7.90 -8.10 -3.29
N ALA B 116 -8.16 -7.91 -1.98
CA ALA B 116 -7.66 -6.78 -1.20
C ALA B 116 -6.13 -6.72 -1.33
N TYR B 117 -5.47 -7.88 -1.41
CA TYR B 117 -3.99 -8.02 -1.36
C TYR B 117 -3.36 -8.11 -2.76
N THR B 118 -4.13 -8.40 -3.80
CA THR B 118 -3.61 -8.66 -5.18
C THR B 118 -4.32 -7.85 -6.27
N ALA B 119 -5.51 -7.30 -5.99
CA ALA B 119 -6.32 -6.50 -6.94
C ALA B 119 -7.03 -7.42 -7.96
N SER B 120 -6.89 -8.73 -7.83
CA SER B 120 -7.44 -9.73 -8.79
C SER B 120 -8.36 -10.72 -8.07
N ILE B 121 -9.32 -11.25 -8.81
CA ILE B 121 -10.21 -12.30 -8.27
C ILE B 121 -10.54 -13.26 -9.40
N SER B 122 -10.50 -14.57 -9.13
CA SER B 122 -10.92 -15.62 -10.08
C SER B 122 -11.72 -16.67 -9.33
N MET B 123 -12.74 -17.21 -9.97
CA MET B 123 -13.77 -18.06 -9.34
C MET B 123 -14.59 -18.72 -10.46
N GLY B 124 -15.24 -19.86 -10.19
CA GLY B 124 -16.25 -20.45 -11.09
C GLY B 124 -17.37 -19.46 -11.38
N GLU B 125 -17.94 -19.47 -12.59
CA GLU B 125 -19.18 -18.74 -12.97
C GLU B 125 -20.26 -18.94 -11.89
N LYS B 126 -20.42 -20.14 -11.35
CA LYS B 126 -21.53 -20.49 -10.41
C LYS B 126 -21.31 -19.86 -9.03
N CYS B 127 -20.13 -19.28 -8.78
CA CYS B 127 -19.74 -18.65 -7.49
C CYS B 127 -20.11 -17.16 -7.45
N VAL B 128 -20.42 -16.54 -8.61
CA VAL B 128 -20.55 -15.07 -8.79
C VAL B 128 -21.54 -14.48 -7.79
N LEU B 129 -22.69 -15.14 -7.56
CA LEU B 129 -23.80 -14.62 -6.72
C LEU B 129 -23.35 -14.54 -5.26
N HIS B 130 -22.70 -15.59 -4.75
CA HIS B 130 -22.22 -15.67 -3.34
C HIS B 130 -21.11 -14.63 -3.12
N VAL B 131 -20.25 -14.41 -4.11
CA VAL B 131 -19.13 -13.44 -4.03
C VAL B 131 -19.69 -12.02 -4.09
N MET B 132 -20.55 -11.73 -5.06
CA MET B 132 -21.18 -10.39 -5.22
C MET B 132 -21.88 -10.03 -3.91
N ASN B 133 -22.53 -11.00 -3.28
CA ASN B 133 -23.21 -10.82 -1.96
C ASN B 133 -22.16 -10.43 -0.92
N GLY B 134 -21.07 -11.20 -0.83
CA GLY B 134 -19.91 -10.91 0.02
C GLY B 134 -19.36 -9.51 -0.21
N ALA B 135 -19.15 -9.13 -1.47
CA ALA B 135 -18.53 -7.86 -1.88
C ALA B 135 -19.39 -6.70 -1.37
N VAL B 136 -20.70 -6.82 -1.52
CA VAL B 136 -21.70 -5.79 -1.11
C VAL B 136 -21.65 -5.65 0.42
N MET B 137 -21.61 -6.77 1.15
CA MET B 137 -21.59 -6.80 2.63
C MET B 137 -20.37 -6.04 3.16
N TYR B 138 -19.25 -6.05 2.45
CA TYR B 138 -17.98 -5.40 2.86
C TYR B 138 -17.62 -4.23 1.94
N GLN B 139 -18.55 -3.79 1.09
CA GLN B 139 -18.46 -2.57 0.24
C GLN B 139 -17.12 -2.54 -0.53
N ILE B 140 -16.75 -3.69 -1.10
CA ILE B 140 -15.65 -3.82 -2.08
C ILE B 140 -16.23 -3.50 -3.45
N ASP B 141 -16.53 -2.22 -3.67
CA ASP B 141 -17.46 -1.75 -4.74
C ASP B 141 -16.96 -2.21 -6.11
N SER B 142 -15.65 -2.22 -6.35
CA SER B 142 -15.10 -2.55 -7.69
C SER B 142 -15.43 -4.02 -8.05
N VAL B 143 -15.50 -4.90 -7.04
CA VAL B 143 -15.90 -6.34 -7.21
C VAL B 143 -17.41 -6.42 -7.42
N VAL B 144 -18.18 -5.66 -6.64
CA VAL B 144 -19.64 -5.48 -6.87
C VAL B 144 -19.83 -5.10 -8.35
N ARG B 145 -19.14 -4.06 -8.82
CA ARG B 145 -19.25 -3.53 -10.21
C ARG B 145 -18.86 -4.63 -11.21
N ALA B 146 -17.84 -5.43 -10.92
CA ALA B 146 -17.34 -6.48 -11.83
C ALA B 146 -18.40 -7.57 -11.98
N CYS B 147 -18.84 -8.12 -10.84
CA CYS B 147 -19.93 -9.12 -10.71
C CYS B 147 -21.20 -8.63 -11.43
N SER B 148 -21.65 -7.41 -11.11
CA SER B 148 -22.85 -6.77 -11.70
C SER B 148 -22.76 -6.81 -13.22
N ASP B 149 -21.71 -6.22 -13.80
CA ASP B 149 -21.51 -6.13 -15.27
C ASP B 149 -21.57 -7.52 -15.89
N PHE B 150 -21.05 -8.53 -15.21
CA PHE B 150 -21.05 -9.93 -15.70
C PHE B 150 -22.49 -10.43 -15.85
N LEU B 151 -23.30 -10.25 -14.82
CA LEU B 151 -24.73 -10.68 -14.76
C LEU B 151 -25.55 -9.91 -15.80
N VAL B 152 -25.28 -8.60 -15.97
CA VAL B 152 -25.90 -7.75 -17.03
C VAL B 152 -25.60 -8.37 -18.40
N GLN B 153 -24.41 -8.94 -18.61
CA GLN B 153 -24.08 -9.62 -19.87
C GLN B 153 -25.00 -10.86 -20.02
N GLN B 154 -25.36 -11.54 -18.93
CA GLN B 154 -26.22 -12.76 -18.96
C GLN B 154 -27.71 -12.40 -19.07
N LEU B 155 -28.11 -11.12 -19.04
CA LEU B 155 -29.55 -10.73 -19.01
C LEU B 155 -30.27 -11.27 -20.25
N ASP B 156 -31.40 -11.95 -20.03
CA ASP B 156 -32.35 -12.39 -21.10
C ASP B 156 -33.76 -12.49 -20.49
N PRO B 157 -34.81 -12.74 -21.30
CA PRO B 157 -36.19 -12.74 -20.80
C PRO B 157 -36.46 -13.76 -19.69
N SER B 158 -35.77 -14.92 -19.76
CA SER B 158 -35.89 -16.02 -18.78
C SER B 158 -35.39 -15.58 -17.40
N ASN B 159 -34.29 -14.82 -17.30
CA ASN B 159 -33.58 -14.56 -16.03
C ASN B 159 -33.74 -13.11 -15.53
N ALA B 160 -34.17 -12.19 -16.39
CA ALA B 160 -34.26 -10.74 -16.06
C ALA B 160 -34.92 -10.53 -14.70
N ILE B 161 -36.00 -11.27 -14.42
CA ILE B 161 -36.84 -11.06 -13.20
C ILE B 161 -36.06 -11.56 -11.97
N GLY B 162 -35.53 -12.77 -12.06
CA GLY B 162 -34.71 -13.37 -10.99
C GLY B 162 -33.55 -12.46 -10.61
N ILE B 163 -32.84 -11.96 -11.60
CA ILE B 163 -31.65 -11.08 -11.43
C ILE B 163 -32.10 -9.78 -10.75
N ALA B 164 -33.15 -9.14 -11.26
CA ALA B 164 -33.76 -7.92 -10.66
C ALA B 164 -34.07 -8.18 -9.18
N ASN B 165 -34.60 -9.36 -8.87
CA ASN B 165 -35.03 -9.73 -7.49
C ASN B 165 -33.79 -9.87 -6.63
N PHE B 166 -32.87 -10.74 -7.04
CA PHE B 166 -31.52 -10.91 -6.44
C PHE B 166 -30.92 -9.54 -6.14
N ALA B 167 -30.87 -8.64 -7.11
CA ALA B 167 -30.25 -7.32 -6.95
C ALA B 167 -30.88 -6.60 -5.77
N GLU B 168 -32.20 -6.69 -5.63
CA GLU B 168 -32.98 -6.03 -4.55
C GLU B 168 -32.66 -6.69 -3.21
N GLN B 169 -32.67 -8.02 -3.16
CA GLN B 169 -32.26 -8.83 -1.97
C GLN B 169 -30.93 -8.32 -1.42
N ILE B 170 -29.84 -8.43 -2.20
CA ILE B 170 -28.43 -8.17 -1.77
C ILE B 170 -28.16 -6.66 -1.69
N GLY B 171 -29.02 -5.81 -2.25
CA GLY B 171 -28.94 -4.35 -2.07
C GLY B 171 -28.20 -3.66 -3.20
N CYS B 172 -27.81 -4.37 -4.25
CA CYS B 172 -27.05 -3.80 -5.40
C CYS B 172 -27.99 -2.97 -6.27
N VAL B 173 -27.95 -1.66 -6.09
CA VAL B 173 -28.79 -0.66 -6.84
C VAL B 173 -28.53 -0.75 -8.35
N GLU B 174 -27.25 -0.78 -8.77
CA GLU B 174 -26.87 -0.70 -10.21
C GLU B 174 -27.38 -1.94 -10.95
N LEU B 175 -27.25 -3.14 -10.38
CA LEU B 175 -27.68 -4.40 -11.02
C LEU B 175 -29.21 -4.37 -11.17
N HIS B 176 -29.92 -3.97 -10.10
CA HIS B 176 -31.40 -3.85 -10.06
C HIS B 176 -31.88 -2.92 -11.18
N GLN B 177 -31.24 -1.76 -11.33
CA GLN B 177 -31.63 -0.73 -12.34
C GLN B 177 -31.38 -1.27 -13.75
N ARG B 178 -30.23 -1.90 -14.00
CA ARG B 178 -29.87 -2.39 -15.36
C ARG B 178 -30.87 -3.48 -15.76
N ALA B 179 -31.25 -4.34 -14.80
CA ALA B 179 -32.22 -5.46 -15.00
C ALA B 179 -33.62 -4.89 -15.24
N ARG B 180 -34.03 -3.91 -14.42
CA ARG B 180 -35.37 -3.29 -14.58
C ARG B 180 -35.42 -2.55 -15.91
N GLU B 181 -34.33 -1.87 -16.30
CA GLU B 181 -34.21 -1.16 -17.60
C GLU B 181 -34.35 -2.17 -18.75
N TYR B 182 -33.79 -3.38 -18.64
CA TYR B 182 -33.83 -4.43 -19.71
C TYR B 182 -35.29 -4.92 -19.88
N ILE B 183 -36.04 -5.03 -18.79
CA ILE B 183 -37.47 -5.47 -18.79
C ILE B 183 -38.35 -4.38 -19.41
N TYR B 184 -38.19 -3.13 -18.97
CA TYR B 184 -38.97 -1.93 -19.39
C TYR B 184 -38.83 -1.69 -20.91
N MET B 185 -37.79 -2.23 -21.57
CA MET B 185 -37.57 -2.09 -23.04
C MET B 185 -38.67 -2.82 -23.83
N HIS B 186 -39.28 -3.87 -23.29
CA HIS B 186 -40.38 -4.62 -23.95
C HIS B 186 -41.72 -3.88 -23.75
N PHE B 187 -41.92 -3.21 -22.60
CA PHE B 187 -43.24 -2.68 -22.14
C PHE B 187 -43.18 -1.17 -21.84
N GLY B 188 -42.12 -0.71 -21.18
CA GLY B 188 -41.97 0.70 -20.74
C GLY B 188 -42.37 0.83 -19.28
C1 A1H67 C . 19.51 22.14 2.61
C2 A1H67 C . 18.71 23.42 2.74
C5 A1H67 C . 17.04 25.31 4.04
C8 A1H67 C . 15.59 20.88 0.56
N1 A1H67 C . 18.44 25.17 4.43
C3 A1H67 C . 19.28 24.30 3.85
N3 A1H67 C . 15.38 20.35 1.72
N2 A1H67 C . 17.26 23.14 2.88
C4 A1H67 C . 18.94 26.01 5.52
C6 A1H67 C . 16.47 23.92 3.84
C7 A1H67 C . 16.67 22.14 2.19
C9 A1H67 C . 15.85 21.12 2.67
C13 A1H67 C . 19.34 19.77 6.44
C10 A1H67 C . 16.98 20.42 5.16
C11 A1H67 C . 17.44 21.21 6.21
C12 A1H67 C . 18.62 20.87 6.83
C14 A1H67 C . 18.89 18.98 5.41
O3 A1H67 C . 14.94 21.99 4.92
C15 A1H67 C . 17.71 19.31 4.78
O1 A1H67 C . 20.47 24.21 4.16
O2 A1H67 C . 14.67 19.61 4.34
S1 A1H67 C . 16.94 21.93 0.50
S2 A1H67 C . 15.47 20.79 4.35
CL1 A1H67 C . 17.16 18.31 3.48
C1 A1H67 D . -20.16 -25.52 -4.47
C2 A1H67 D . -21.05 -24.59 -3.66
C5 A1H67 D . -23.47 -23.32 -4.76
C8 A1H67 D . -18.47 -21.54 -6.26
N1 A1H67 D . -23.46 -24.67 -4.22
C3 A1H67 D . -22.43 -25.21 -3.52
N3 A1H67 D . -18.04 -21.48 -5.04
N2 A1H67 D . -21.07 -23.22 -4.21
C4 A1H67 D . -24.67 -25.47 -4.44
C6 A1H67 D . -22.35 -22.51 -4.14
C7 A1H67 D . -19.97 -22.65 -4.80
C9 A1H67 D . -18.75 -22.23 -4.23
C13 A1H67 D . -21.63 -21.58 0.15
C10 A1H67 D . -19.49 -22.19 -1.53
C11 A1H67 D . -20.00 -23.14 -0.65
C12 A1H67 D . -21.06 -22.83 0.18
C14 A1H67 D . -21.14 -20.62 -0.72
O3 A1H67 D . -17.89 -23.99 -2.54
C15 A1H67 D . -20.08 -20.93 -1.55
O1 A1H67 D . -22.56 -26.20 -2.80
O2 A1H67 D . -17.07 -21.65 -2.37
S1 A1H67 D . -20.01 -22.26 -6.47
S2 A1H67 D . -18.15 -22.58 -2.61
CL1 A1H67 D . -19.52 -19.70 -2.63
#